data_5OPC
#
_entry.id   5OPC
#
_cell.length_a   86.799
_cell.length_b   86.799
_cell.length_c   149.520
_cell.angle_alpha   90.00
_cell.angle_beta   90.00
_cell.angle_gamma   90.00
#
_symmetry.space_group_name_H-M   'P 41 21 2'
#
loop_
_entity.id
_entity.type
_entity.pdbx_description
1 polymer 'Hypoxia-inducible factor 1-alpha inhibitor'
2 non-polymer 'SULFATE ION'
3 non-polymer 'ZINC ION'
4 non-polymer GLYCEROL
5 non-polymer Vadadustat
6 water water
#
_entity_poly.entity_id   1
_entity_poly.type   'polypeptide(L)'
_entity_poly.pdbx_seq_one_letter_code
;SMAATAAEAVASGSGEPREEAGALGPAWDESQLRSYSFPTRPIPRLSQSDPRAEELIENEEPVVLTDTNLVYPALKWDLE
YLQENIGNGDFSVYSASTHKFLYYDEKKMANFQNFKPRSNREEMKFHEFVEKLQDIQQRGGEERLYLQQTLNDTVGRKIV
MDFLGFNWNWINKQQGKRGWGQLTSNLLLIGMEGNVTPAHYDEQQNFFAQIKGYKRCILFPPDQFECLYPYPVHHPCDRQ
SQVDFDNPDYERFPNFQNVVGYETVVGPGDVLYIPMYWWHHIESLLNGGITITVNFWYKGAPTPKRIEYPLKAHQKVAIM
RNIEKMLGEALGNPQEVGPLLNTMIKGRYN
;
_entity_poly.pdbx_strand_id   A
#
# COMPACT_ATOMS: atom_id res chain seq x y z
N SER A 12 -7.70 -17.24 11.81
CA SER A 12 -8.86 -16.60 11.19
C SER A 12 -8.42 -15.73 10.01
N GLY A 13 -8.18 -14.44 10.27
CA GLY A 13 -7.74 -13.53 9.25
C GLY A 13 -8.86 -12.70 8.65
N SER A 14 -9.22 -13.00 7.41
CA SER A 14 -10.27 -12.23 6.74
C SER A 14 -11.61 -12.40 7.42
N GLY A 15 -11.92 -13.61 7.88
CA GLY A 15 -13.19 -13.90 8.50
C GLY A 15 -14.24 -14.31 7.50
N GLU A 16 -15.42 -14.62 8.01
CA GLU A 16 -16.53 -15.01 7.16
C GLU A 16 -16.87 -13.87 6.20
N PRO A 17 -16.98 -14.13 4.90
CA PRO A 17 -17.38 -13.06 3.97
C PRO A 17 -18.71 -12.44 4.38
N ARG A 18 -18.83 -11.12 4.16
CA ARG A 18 -20.02 -10.40 4.53
C ARG A 18 -21.15 -10.63 3.53
N GLU A 19 -22.39 -10.54 4.02
CA GLU A 19 -23.57 -10.70 3.18
C GLU A 19 -24.00 -9.34 2.65
N GLU A 20 -24.06 -9.20 1.33
CA GLU A 20 -24.52 -7.96 0.73
C GLU A 20 -26.02 -7.79 0.94
N ALA A 21 -26.45 -6.54 0.98
CA ALA A 21 -27.86 -6.23 1.18
C ALA A 21 -28.69 -6.74 0.01
N GLY A 22 -29.98 -6.95 0.28
CA GLY A 22 -30.87 -7.47 -0.73
C GLY A 22 -30.69 -8.95 -1.03
N ALA A 23 -30.07 -9.69 -0.11
CA ALA A 23 -29.88 -11.14 -0.28
C ALA A 23 -29.06 -11.46 -1.53
N LEU A 24 -28.19 -10.54 -1.94
CA LEU A 24 -27.38 -10.73 -3.13
C LEU A 24 -26.29 -11.79 -2.96
N GLY A 25 -26.23 -12.45 -1.81
CA GLY A 25 -25.27 -13.51 -1.59
C GLY A 25 -23.95 -12.96 -1.07
N PRO A 26 -22.98 -13.86 -0.86
CA PRO A 26 -21.68 -13.41 -0.34
C PRO A 26 -20.91 -12.64 -1.39
N ALA A 27 -20.26 -11.56 -0.94
CA ALA A 27 -19.52 -10.71 -1.87
C ALA A 27 -18.28 -11.40 -2.42
N TRP A 28 -17.71 -12.35 -1.67
CA TRP A 28 -16.52 -13.07 -2.10
C TRP A 28 -16.44 -14.36 -1.28
N ASP A 29 -15.54 -15.24 -1.69
CA ASP A 29 -15.30 -16.50 -0.99
C ASP A 29 -13.81 -16.74 -0.85
N GLU A 30 -13.46 -17.70 0.02
CA GLU A 30 -12.06 -17.96 0.33
C GLU A 30 -11.27 -18.38 -0.90
N SER A 31 -11.94 -18.97 -1.91
CA SER A 31 -11.22 -19.40 -3.11
C SER A 31 -10.58 -18.24 -3.84
N GLN A 32 -10.99 -17.01 -3.57
CA GLN A 32 -10.42 -15.84 -4.22
C GLN A 32 -9.22 -15.27 -3.49
N LEU A 33 -8.85 -15.84 -2.34
CA LEU A 33 -7.68 -15.42 -1.60
C LEU A 33 -6.49 -16.32 -1.94
N ARG A 34 -5.32 -15.72 -2.09
CA ARG A 34 -4.11 -16.50 -2.32
C ARG A 34 -3.66 -17.16 -1.02
N SER A 35 -2.85 -18.20 -1.17
CA SER A 35 -2.38 -19.00 -0.04
C SER A 35 -0.97 -18.58 0.36
N TYR A 36 -0.76 -18.37 1.66
CA TYR A 36 0.53 -17.93 2.18
C TYR A 36 0.87 -18.77 3.40
N SER A 37 2.12 -18.62 3.85
CA SER A 37 2.70 -19.53 4.84
C SER A 37 2.53 -19.05 6.28
N PHE A 38 1.97 -17.86 6.50
CA PHE A 38 1.94 -17.27 7.82
C PHE A 38 0.51 -17.13 8.33
N PRO A 39 0.31 -17.08 9.64
CA PRO A 39 -1.04 -16.85 10.18
C PRO A 39 -1.37 -15.36 10.23
N THR A 40 -2.66 -15.09 10.47
CA THR A 40 -3.14 -13.70 10.56
C THR A 40 -4.30 -13.63 11.53
N ARG A 41 -4.52 -12.43 12.05
CA ARG A 41 -5.69 -12.10 12.84
C ARG A 41 -6.46 -10.98 12.14
N PRO A 42 -7.74 -10.82 12.44
CA PRO A 42 -8.57 -9.87 11.69
C PRO A 42 -8.37 -8.43 12.16
N ILE A 43 -8.34 -7.52 11.20
CA ILE A 43 -8.44 -6.09 11.55
C ILE A 43 -9.89 -5.78 11.92
N PRO A 44 -10.14 -4.97 12.94
CA PRO A 44 -11.54 -4.70 13.32
C PRO A 44 -12.25 -3.82 12.29
N ARG A 45 -13.51 -4.17 12.01
CA ARG A 45 -14.39 -3.36 11.17
C ARG A 45 -15.36 -2.63 12.08
N LEU A 46 -15.22 -1.31 12.15
CA LEU A 46 -15.97 -0.51 13.12
C LEU A 46 -16.66 0.65 12.41
N SER A 47 -17.60 1.25 13.11
CA SER A 47 -18.23 2.49 12.67
C SER A 47 -17.35 3.68 13.06
N GLN A 48 -17.36 4.70 12.20
CA GLN A 48 -16.57 5.90 12.49
C GLN A 48 -17.01 6.57 13.78
N SER A 49 -18.26 6.37 14.19
CA SER A 49 -18.76 6.94 15.44
C SER A 49 -18.41 6.09 16.65
N ASP A 50 -17.80 4.93 16.47
CA ASP A 50 -17.45 4.05 17.58
C ASP A 50 -16.18 4.57 18.25
N PRO A 51 -16.20 4.87 19.56
CA PRO A 51 -14.99 5.41 20.19
C PRO A 51 -13.80 4.46 20.13
N ARG A 52 -14.03 3.14 20.03
CA ARG A 52 -12.92 2.22 19.90
C ARG A 52 -12.11 2.52 18.65
N ALA A 53 -12.78 2.85 17.55
CA ALA A 53 -12.07 3.20 16.33
C ALA A 53 -11.22 4.46 16.54
N GLU A 54 -11.76 5.43 17.27
CA GLU A 54 -10.98 6.62 17.61
C GLU A 54 -9.72 6.23 18.37
N GLU A 55 -9.83 5.28 19.30
CA GLU A 55 -8.68 4.87 20.09
C GLU A 55 -7.65 4.13 19.25
N LEU A 56 -8.12 3.33 18.28
CA LEU A 56 -7.19 2.60 17.43
C LEU A 56 -6.34 3.56 16.59
N ILE A 57 -7.00 4.51 15.92
CA ILE A 57 -6.26 5.49 15.13
C ILE A 57 -5.28 6.27 16.00
N GLU A 58 -5.76 6.75 17.15
CA GLU A 58 -4.90 7.52 18.03
C GLU A 58 -3.68 6.71 18.46
N ASN A 59 -3.86 5.42 18.70
CA ASN A 59 -2.77 4.53 19.05
C ASN A 59 -2.04 3.98 17.83
N GLU A 60 -2.36 4.47 16.63
CA GLU A 60 -1.68 4.06 15.41
C GLU A 60 -1.74 2.54 15.22
N GLU A 61 -2.96 2.00 15.30
CA GLU A 61 -3.26 0.63 14.95
C GLU A 61 -4.31 0.59 13.84
N PRO A 62 -4.25 -0.38 12.94
CA PRO A 62 -5.15 -0.36 11.78
C PRO A 62 -6.60 -0.57 12.19
N VAL A 63 -7.50 -0.01 11.40
CA VAL A 63 -8.94 -0.20 11.60
C VAL A 63 -9.64 0.05 10.27
N VAL A 64 -10.69 -0.73 10.02
CA VAL A 64 -11.55 -0.52 8.86
C VAL A 64 -12.80 0.23 9.33
N LEU A 65 -13.03 1.38 8.73
CA LEU A 65 -14.22 2.19 9.00
C LEU A 65 -15.25 1.92 7.89
N THR A 66 -16.46 1.57 8.28
CA THR A 66 -17.45 1.08 7.34
C THR A 66 -18.39 2.17 6.82
N ASP A 67 -18.45 3.33 7.46
CA ASP A 67 -19.53 4.29 7.20
C ASP A 67 -19.01 5.73 7.23
N THR A 68 -17.86 5.99 6.61
CA THR A 68 -17.33 7.35 6.59
C THR A 68 -17.95 8.21 5.48
N ASN A 69 -18.46 7.59 4.43
CA ASN A 69 -18.89 8.32 3.23
C ASN A 69 -17.75 9.14 2.64
N LEU A 70 -16.52 8.70 2.88
CA LEU A 70 -15.34 9.47 2.46
C LEU A 70 -15.35 9.73 0.96
N VAL A 71 -15.61 8.70 0.16
CA VAL A 71 -15.61 8.83 -1.30
C VAL A 71 -16.96 8.39 -1.86
N TYR A 72 -18.03 8.72 -1.15
CA TYR A 72 -19.37 8.32 -1.57
C TYR A 72 -19.67 8.65 -3.03
N PRO A 73 -19.38 9.85 -3.54
CA PRO A 73 -19.72 10.14 -4.94
C PRO A 73 -18.96 9.29 -5.95
N ALA A 74 -17.85 8.69 -5.55
CA ALA A 74 -17.04 7.88 -6.46
C ALA A 74 -17.50 6.44 -6.55
N LEU A 75 -18.50 6.05 -5.75
CA LEU A 75 -18.95 4.66 -5.76
C LEU A 75 -19.65 4.30 -7.07
N LYS A 76 -20.06 5.27 -7.86
CA LYS A 76 -20.60 5.01 -9.18
C LYS A 76 -19.51 4.87 -10.25
N TRP A 77 -18.24 5.07 -9.89
CA TRP A 77 -17.17 5.02 -10.86
C TRP A 77 -17.00 3.62 -11.43
N ASP A 78 -16.82 3.56 -12.74
CA ASP A 78 -16.33 2.38 -13.43
C ASP A 78 -15.52 2.86 -14.61
N LEU A 79 -15.09 1.92 -15.48
CA LEU A 79 -14.30 2.33 -16.63
C LEU A 79 -15.10 3.20 -17.58
N GLU A 80 -16.36 2.85 -17.83
CA GLU A 80 -17.19 3.64 -18.72
C GLU A 80 -17.31 5.08 -18.23
N TYR A 81 -17.76 5.25 -16.98
CA TYR A 81 -17.97 6.59 -16.44
C TYR A 81 -16.67 7.39 -16.48
N LEU A 82 -15.56 6.78 -16.07
CA LEU A 82 -14.30 7.51 -15.98
C LEU A 82 -13.77 7.88 -17.37
N GLN A 83 -13.84 6.97 -18.33
CA GLN A 83 -13.35 7.26 -19.67
C GLN A 83 -14.09 8.45 -20.28
N GLU A 84 -15.39 8.54 -20.03
CA GLU A 84 -16.20 9.61 -20.60
C GLU A 84 -16.07 10.93 -19.86
N ASN A 85 -15.47 10.95 -18.67
CA ASN A 85 -15.42 12.15 -17.85
C ASN A 85 -14.05 12.50 -17.30
N ILE A 86 -13.08 11.57 -17.33
CA ILE A 86 -11.80 11.86 -16.69
C ILE A 86 -11.04 12.93 -17.48
N GLY A 87 -11.23 12.99 -18.79
CA GLY A 87 -10.56 13.97 -19.63
C GLY A 87 -9.38 13.37 -20.37
N ASN A 88 -8.72 14.24 -21.13
CA ASN A 88 -7.60 13.85 -21.99
C ASN A 88 -6.32 14.29 -21.31
N GLY A 89 -5.73 13.40 -20.52
CA GLY A 89 -4.48 13.67 -19.85
C GLY A 89 -3.64 12.42 -19.76
N ASP A 90 -2.40 12.60 -19.31
CA ASP A 90 -1.47 11.48 -19.18
C ASP A 90 -1.69 10.78 -17.85
N PHE A 91 -1.80 9.45 -17.89
CA PHE A 91 -1.93 8.62 -16.70
C PHE A 91 -0.80 7.60 -16.69
N SER A 92 -0.05 7.54 -15.59
CA SER A 92 1.00 6.55 -15.45
C SER A 92 0.37 5.16 -15.37
N VAL A 93 0.85 4.24 -16.22
CA VAL A 93 0.36 2.87 -16.28
C VAL A 93 1.55 1.93 -16.15
N TYR A 94 1.51 1.05 -15.17
CA TYR A 94 2.59 0.10 -14.92
C TYR A 94 2.22 -1.26 -15.48
N SER A 95 3.20 -1.93 -16.08
CA SER A 95 3.02 -3.23 -16.69
C SER A 95 3.82 -4.28 -15.93
N ALA A 96 3.47 -5.55 -16.16
CA ALA A 96 4.15 -6.64 -15.47
C ALA A 96 3.88 -7.94 -16.23
N SER A 97 4.86 -8.83 -16.19
CA SER A 97 4.72 -10.16 -16.76
C SER A 97 4.10 -11.16 -15.80
N THR A 98 4.03 -10.82 -14.50
CA THR A 98 3.39 -11.67 -13.51
C THR A 98 2.40 -10.86 -12.68
N HIS A 99 1.90 -11.44 -11.60
CA HIS A 99 0.93 -10.74 -10.76
C HIS A 99 1.58 -9.78 -9.78
N LYS A 100 2.88 -9.90 -9.53
CA LYS A 100 3.58 -9.05 -8.57
C LYS A 100 4.02 -7.76 -9.24
N PHE A 101 3.59 -6.63 -8.68
CA PHE A 101 3.99 -5.31 -9.14
C PHE A 101 4.98 -4.72 -8.14
N LEU A 102 6.24 -5.11 -8.28
CA LEU A 102 7.29 -4.55 -7.42
C LEU A 102 7.66 -3.16 -7.91
N TYR A 103 7.69 -2.20 -7.00
CA TYR A 103 7.99 -0.81 -7.36
C TYR A 103 9.48 -0.58 -7.48
N TYR A 104 9.87 0.28 -8.43
CA TYR A 104 11.27 0.60 -8.68
C TYR A 104 11.41 2.12 -8.70
N ASP A 105 12.15 2.66 -7.73
CA ASP A 105 12.47 4.08 -7.72
C ASP A 105 13.52 4.36 -8.79
N GLU A 106 13.10 5.05 -9.86
CA GLU A 106 13.99 5.25 -11.00
C GLU A 106 15.21 6.08 -10.63
N LYS A 107 15.08 7.00 -9.67
CA LYS A 107 16.20 7.84 -9.28
C LYS A 107 17.35 7.02 -8.68
N LYS A 108 17.04 5.86 -8.09
CA LYS A 108 18.05 5.07 -7.41
C LYS A 108 18.66 3.98 -8.30
N MET A 109 18.22 3.86 -9.56
CA MET A 109 18.70 2.80 -10.42
C MET A 109 20.19 2.91 -10.71
N ALA A 110 20.71 4.12 -10.59
CA ALA A 110 22.13 4.39 -10.79
C ALA A 110 23.01 3.66 -9.76
N ASN A 111 22.55 3.59 -8.51
CA ASN A 111 23.29 2.92 -7.46
C ASN A 111 23.50 1.44 -7.77
N PHE A 112 22.48 0.74 -8.25
CA PHE A 112 22.66 -0.66 -8.62
C PHE A 112 22.56 -0.74 -10.13
N GLN A 113 23.68 -1.01 -10.78
CA GLN A 113 23.72 -1.10 -12.23
C GLN A 113 23.12 -2.41 -12.73
N ASN A 114 23.52 -3.53 -12.11
CA ASN A 114 23.02 -4.84 -12.52
C ASN A 114 21.71 -5.18 -11.82
N PHE A 115 20.73 -4.28 -11.94
CA PHE A 115 19.39 -4.47 -11.40
C PHE A 115 18.42 -4.55 -12.57
N LYS A 116 17.67 -5.65 -12.64
CA LYS A 116 16.72 -5.87 -13.73
C LYS A 116 15.32 -5.49 -13.25
N PRO A 117 14.66 -4.51 -13.87
CA PRO A 117 13.29 -4.19 -13.44
C PRO A 117 12.28 -5.13 -14.07
N ARG A 118 11.31 -5.56 -13.26
CA ARG A 118 10.29 -6.49 -13.70
C ARG A 118 9.03 -5.79 -14.22
N SER A 119 8.78 -4.56 -13.81
CA SER A 119 7.63 -3.79 -14.27
C SER A 119 8.10 -2.54 -15.01
N ASN A 120 7.37 -2.16 -16.04
CA ASN A 120 7.73 -1.04 -16.89
C ASN A 120 6.59 -0.02 -16.90
N ARG A 121 6.91 1.23 -16.57
CA ARG A 121 5.91 2.29 -16.56
C ARG A 121 5.65 2.79 -17.97
N GLU A 122 4.40 3.20 -18.22
CA GLU A 122 3.99 3.71 -19.52
C GLU A 122 3.01 4.84 -19.33
N GLU A 123 3.19 5.91 -20.10
CA GLU A 123 2.27 7.04 -20.11
C GLU A 123 1.30 6.89 -21.28
N MET A 124 0.02 7.12 -21.01
CA MET A 124 -0.99 6.95 -22.04
C MET A 124 -2.28 7.62 -21.58
N LYS A 125 -3.12 7.94 -22.56
CA LYS A 125 -4.45 8.48 -22.26
C LYS A 125 -5.33 7.36 -21.73
N PHE A 126 -6.43 7.76 -21.09
CA PHE A 126 -7.26 6.78 -20.38
C PHE A 126 -7.90 5.78 -21.34
N HIS A 127 -8.39 6.25 -22.49
CA HIS A 127 -9.01 5.32 -23.43
C HIS A 127 -8.01 4.31 -23.96
N GLU A 128 -6.73 4.70 -24.05
CA GLU A 128 -5.68 3.75 -24.40
C GLU A 128 -5.51 2.70 -23.32
N PHE A 129 -5.67 3.08 -22.06
CA PHE A 129 -5.60 2.12 -20.96
C PHE A 129 -6.74 1.13 -21.02
N VAL A 130 -7.96 1.60 -21.31
CA VAL A 130 -9.10 0.70 -21.45
C VAL A 130 -8.91 -0.22 -22.65
N GLU A 131 -8.33 0.30 -23.73
CA GLU A 131 -8.12 -0.52 -24.92
C GLU A 131 -7.24 -1.72 -24.62
N LYS A 132 -6.13 -1.49 -23.91
CA LYS A 132 -5.23 -2.59 -23.59
C LYS A 132 -5.94 -3.64 -22.74
N LEU A 133 -6.72 -3.21 -21.75
CA LEU A 133 -7.50 -4.16 -20.96
C LEU A 133 -8.46 -4.94 -21.84
N GLN A 134 -9.11 -4.27 -22.79
CA GLN A 134 -9.98 -4.95 -23.74
C GLN A 134 -9.17 -5.84 -24.67
N ASP A 135 -8.03 -5.34 -25.16
CA ASP A 135 -7.18 -6.14 -26.04
C ASP A 135 -6.66 -7.37 -25.33
N ILE A 136 -6.12 -7.19 -24.13
CA ILE A 136 -5.61 -8.33 -23.35
C ILE A 136 -6.74 -9.33 -23.10
N GLN A 137 -7.88 -8.85 -22.62
CA GLN A 137 -9.00 -9.74 -22.32
C GLN A 137 -9.39 -10.54 -23.56
N GLN A 138 -9.34 -9.91 -24.74
CA GLN A 138 -9.74 -10.59 -25.97
C GLN A 138 -8.89 -11.82 -26.22
N ARG A 139 -7.57 -11.66 -26.17
CA ARG A 139 -6.64 -12.74 -26.48
C ARG A 139 -6.27 -13.58 -25.25
N GLY A 140 -6.93 -13.36 -24.12
CA GLY A 140 -6.62 -14.13 -22.93
C GLY A 140 -5.15 -14.12 -22.56
N GLY A 141 -4.51 -12.96 -22.68
CA GLY A 141 -3.09 -12.88 -22.38
C GLY A 141 -2.79 -12.96 -20.90
N GLU A 142 -1.53 -13.23 -20.59
CA GLU A 142 -1.06 -13.30 -19.22
C GLU A 142 -0.49 -11.98 -18.72
N GLU A 143 -0.47 -10.95 -19.55
CA GLU A 143 0.02 -9.65 -19.11
C GLU A 143 -0.96 -9.01 -18.13
N ARG A 144 -0.44 -8.11 -17.31
CA ARG A 144 -1.23 -7.42 -16.31
C ARG A 144 -0.87 -5.93 -16.29
N LEU A 145 -1.84 -5.11 -15.90
CA LEU A 145 -1.69 -3.66 -15.91
C LEU A 145 -2.17 -3.08 -14.60
N TYR A 146 -1.72 -1.86 -14.30
CA TYR A 146 -2.07 -1.20 -13.05
C TYR A 146 -1.93 0.30 -13.27
N LEU A 147 -3.04 1.03 -13.20
CA LEU A 147 -3.03 2.47 -13.35
C LEU A 147 -2.87 3.12 -11.97
N GLN A 148 -1.90 4.02 -11.86
CA GLN A 148 -1.58 4.68 -10.58
C GLN A 148 -1.24 6.13 -10.90
N GLN A 149 -2.23 7.01 -10.81
CA GLN A 149 -2.06 8.40 -11.18
C GLN A 149 -2.70 9.32 -10.15
N THR A 150 -2.01 10.42 -9.85
CA THR A 150 -2.53 11.42 -8.94
C THR A 150 -3.68 12.18 -9.60
N LEU A 151 -4.66 12.56 -8.78
CA LEU A 151 -5.81 13.32 -9.24
C LEU A 151 -5.65 14.78 -8.84
N ASN A 152 -5.52 15.66 -9.83
CA ASN A 152 -5.38 17.08 -9.62
C ASN A 152 -6.52 17.80 -10.34
N ASP A 153 -6.39 19.13 -10.48
CA ASP A 153 -7.45 19.95 -11.07
C ASP A 153 -7.58 19.76 -12.58
N THR A 154 -6.66 19.04 -13.22
CA THR A 154 -6.70 18.91 -14.67
C THR A 154 -7.85 18.00 -15.13
N VAL A 155 -8.28 17.08 -14.29
CA VAL A 155 -9.29 16.08 -14.68
C VAL A 155 -10.57 16.79 -15.10
N GLY A 156 -11.47 16.06 -15.73
CA GLY A 156 -12.70 16.65 -16.26
C GLY A 156 -13.61 17.19 -15.18
N ARG A 157 -14.60 17.97 -15.63
CA ARG A 157 -15.46 18.70 -14.72
C ARG A 157 -16.27 17.75 -13.82
N LYS A 158 -16.82 16.69 -14.38
CA LYS A 158 -17.64 15.78 -13.59
C LYS A 158 -16.81 15.09 -12.52
N ILE A 159 -15.57 14.71 -12.83
CA ILE A 159 -14.72 14.06 -11.85
C ILE A 159 -14.31 15.04 -10.76
N VAL A 160 -14.15 16.32 -11.12
CA VAL A 160 -13.87 17.34 -10.11
C VAL A 160 -15.06 17.47 -9.16
N MET A 161 -16.28 17.44 -9.70
CA MET A 161 -17.47 17.51 -8.86
C MET A 161 -17.49 16.37 -7.86
N ASP A 162 -17.22 15.14 -8.32
CA ASP A 162 -17.17 14.00 -7.42
C ASP A 162 -16.12 14.21 -6.33
N PHE A 163 -14.91 14.62 -6.72
CA PHE A 163 -13.85 14.85 -5.75
C PHE A 163 -14.27 15.87 -4.70
N LEU A 164 -14.94 16.94 -5.12
CA LEU A 164 -15.44 17.92 -4.17
C LEU A 164 -16.48 17.32 -3.24
N GLY A 165 -17.16 16.28 -3.70
CA GLY A 165 -18.16 15.60 -2.89
C GLY A 165 -17.62 14.62 -1.88
N PHE A 166 -16.32 14.40 -1.83
CA PHE A 166 -15.76 13.55 -0.77
C PHE A 166 -16.06 14.16 0.59
N ASN A 167 -15.97 13.32 1.62
CA ASN A 167 -16.29 13.77 2.98
C ASN A 167 -15.05 14.44 3.57
N TRP A 168 -14.83 15.69 3.14
CA TRP A 168 -13.68 16.45 3.64
C TRP A 168 -13.87 16.86 5.09
N ASN A 169 -15.12 17.07 5.52
CA ASN A 169 -15.38 17.34 6.92
C ASN A 169 -14.75 16.28 7.82
N TRP A 170 -14.95 15.01 7.47
CA TRP A 170 -14.49 13.93 8.35
C TRP A 170 -12.97 13.79 8.31
N ILE A 171 -12.39 13.77 7.11
CA ILE A 171 -10.95 13.52 7.02
C ILE A 171 -10.16 14.71 7.55
N ASN A 172 -10.68 15.92 7.39
CA ASN A 172 -10.00 17.09 7.96
C ASN A 172 -10.06 17.05 9.48
N LYS A 173 -11.17 16.58 10.04
CA LYS A 173 -11.24 16.40 11.49
C LYS A 173 -10.15 15.45 11.97
N GLN A 174 -9.97 14.32 11.28
CA GLN A 174 -8.92 13.38 11.66
C GLN A 174 -7.56 14.03 11.62
N GLN A 175 -7.27 14.76 10.54
CA GLN A 175 -6.01 15.48 10.43
C GLN A 175 -5.74 16.32 11.68
N GLY A 176 -6.76 17.06 12.13
CA GLY A 176 -6.58 17.93 13.28
C GLY A 176 -6.44 17.16 14.59
N LYS A 177 -7.28 16.15 14.79
CA LYS A 177 -7.26 15.39 16.04
C LYS A 177 -5.88 14.78 16.28
N ARG A 178 -5.29 14.19 15.26
CA ARG A 178 -4.01 13.50 15.41
C ARG A 178 -2.81 14.42 15.23
N GLY A 179 -3.03 15.71 15.01
CA GLY A 179 -1.92 16.61 14.78
C GLY A 179 -1.08 16.26 13.57
N TRP A 180 -1.63 15.50 12.63
CA TRP A 180 -0.89 15.16 11.41
C TRP A 180 -0.57 16.42 10.62
N GLY A 181 0.36 16.26 9.68
CA GLY A 181 0.68 17.31 8.74
C GLY A 181 -0.34 17.39 7.63
N GLN A 182 0.06 18.05 6.55
CA GLN A 182 -0.87 18.31 5.45
C GLN A 182 -1.07 17.06 4.60
N LEU A 183 -2.23 17.02 3.93
CA LEU A 183 -2.48 16.01 2.92
C LEU A 183 -1.42 16.13 1.82
N THR A 184 -0.57 15.12 1.68
CA THR A 184 0.54 15.20 0.74
C THR A 184 0.08 14.86 -0.68
N SER A 185 -0.83 13.90 -0.83
CA SER A 185 -1.26 13.52 -2.17
C SER A 185 -2.47 12.60 -2.08
N ASN A 186 -3.16 12.49 -3.21
CA ASN A 186 -4.29 11.58 -3.39
C ASN A 186 -4.05 10.80 -4.66
N LEU A 187 -3.92 9.49 -4.54
CA LEU A 187 -3.55 8.63 -5.66
C LEU A 187 -4.74 7.76 -6.05
N LEU A 188 -4.99 7.67 -7.35
CA LEU A 188 -6.05 6.82 -7.90
C LEU A 188 -5.43 5.51 -8.39
N LEU A 189 -5.98 4.38 -7.95
CA LEU A 189 -5.45 3.07 -8.26
C LEU A 189 -6.52 2.26 -8.97
N ILE A 190 -6.22 1.81 -10.19
CA ILE A 190 -7.09 0.94 -10.95
C ILE A 190 -6.27 -0.27 -11.38
N GLY A 191 -6.66 -1.46 -10.91
CA GLY A 191 -5.92 -2.67 -11.19
C GLY A 191 -6.82 -3.77 -11.70
N MET A 192 -6.18 -4.82 -12.18
CA MET A 192 -6.87 -6.02 -12.65
C MET A 192 -6.96 -7.06 -11.54
N GLU A 193 -7.92 -7.95 -11.68
CA GLU A 193 -8.07 -9.05 -10.73
C GLU A 193 -6.78 -9.86 -10.65
N GLY A 194 -6.39 -10.22 -9.43
CA GLY A 194 -5.19 -10.97 -9.19
C GLY A 194 -3.94 -10.14 -8.95
N ASN A 195 -3.98 -8.84 -9.27
CA ASN A 195 -2.81 -7.99 -9.07
C ASN A 195 -2.40 -7.99 -7.60
N VAL A 196 -1.09 -7.98 -7.37
CA VAL A 196 -0.52 -7.96 -6.03
C VAL A 196 0.46 -6.79 -5.94
N THR A 197 0.30 -5.96 -4.92
CA THR A 197 1.31 -4.98 -4.55
C THR A 197 2.09 -5.54 -3.38
N PRO A 198 3.34 -5.96 -3.55
CA PRO A 198 4.04 -6.71 -2.49
C PRO A 198 4.23 -5.91 -1.23
N ALA A 199 4.59 -6.62 -0.17
CA ALA A 199 4.73 -6.02 1.15
C ALA A 199 5.71 -4.87 1.14
N HIS A 200 5.28 -3.74 1.70
CA HIS A 200 6.13 -2.56 1.83
C HIS A 200 5.55 -1.69 2.93
N TYR A 201 6.35 -0.73 3.39
CA TYR A 201 5.88 0.27 4.35
C TYR A 201 6.09 1.66 3.78
N ASP A 202 5.24 2.59 4.22
CA ASP A 202 5.32 3.98 3.85
C ASP A 202 5.63 4.81 5.10
N GLU A 203 6.15 6.01 4.88
CA GLU A 203 6.53 6.90 5.96
C GLU A 203 5.48 7.93 6.28
N GLN A 204 4.25 7.73 5.78
CA GLN A 204 3.16 8.67 6.04
C GLN A 204 1.92 7.89 6.47
N GLN A 205 1.01 8.61 7.13
CA GLN A 205 -0.29 8.05 7.48
C GLN A 205 -1.13 7.89 6.22
N ASN A 206 -1.88 6.79 6.13
CA ASN A 206 -2.63 6.49 4.92
C ASN A 206 -4.08 6.13 5.24
N PHE A 207 -5.00 6.74 4.50
CA PHE A 207 -6.41 6.33 4.47
C PHE A 207 -6.70 5.72 3.10
N PHE A 208 -7.11 4.46 3.12
CA PHE A 208 -7.21 3.62 1.93
C PHE A 208 -8.70 3.43 1.64
N ALA A 209 -9.20 4.14 0.63
CA ALA A 209 -10.64 4.25 0.38
C ALA A 209 -11.01 3.38 -0.82
N GLN A 210 -11.60 2.22 -0.53
CA GLN A 210 -12.00 1.28 -1.57
C GLN A 210 -13.28 1.76 -2.26
N ILE A 211 -13.29 1.64 -3.60
CA ILE A 211 -14.37 2.19 -4.44
C ILE A 211 -15.07 1.10 -5.23
N LYS A 212 -14.31 0.29 -5.96
CA LYS A 212 -14.86 -0.78 -6.78
C LYS A 212 -14.09 -2.06 -6.55
N GLY A 213 -14.79 -3.17 -6.42
CA GLY A 213 -14.16 -4.45 -6.22
C GLY A 213 -13.65 -4.62 -4.80
N TYR A 214 -12.98 -5.75 -4.56
CA TYR A 214 -12.52 -6.12 -3.23
C TYR A 214 -11.02 -6.33 -3.24
N LYS A 215 -10.35 -5.87 -2.18
CA LYS A 215 -8.93 -6.02 -2.01
C LYS A 215 -8.65 -6.66 -0.65
N ARG A 216 -7.78 -7.66 -0.65
CA ARG A 216 -7.30 -8.25 0.58
C ARG A 216 -6.05 -7.48 1.02
N CYS A 217 -6.10 -6.95 2.24
CA CYS A 217 -5.00 -6.16 2.80
C CYS A 217 -4.41 -6.92 3.98
N ILE A 218 -3.12 -7.20 3.91
CA ILE A 218 -2.39 -7.90 4.97
C ILE A 218 -1.34 -6.95 5.53
N LEU A 219 -1.47 -6.63 6.82
CA LEU A 219 -0.62 -5.65 7.47
C LEU A 219 0.26 -6.31 8.52
N PHE A 220 1.48 -5.77 8.70
CA PHE A 220 2.40 -6.23 9.72
C PHE A 220 2.90 -5.02 10.51
N PRO A 221 3.00 -5.12 11.84
CA PRO A 221 3.45 -3.97 12.64
C PRO A 221 4.90 -3.63 12.36
N PRO A 222 5.33 -2.41 12.72
CA PRO A 222 6.74 -2.04 12.52
C PRO A 222 7.73 -2.94 13.26
N ASP A 223 7.34 -3.56 14.37
CA ASP A 223 8.28 -4.40 15.12
C ASP A 223 8.59 -5.71 14.41
N GLN A 224 7.95 -6.02 13.29
N GLN A 224 7.95 -5.99 13.28
CA GLN A 224 8.33 -7.20 12.51
CA GLN A 224 8.26 -7.16 12.47
C GLN A 224 9.32 -6.87 11.40
C GLN A 224 9.37 -6.90 11.45
N PHE A 225 10.01 -5.74 11.52
CA PHE A 225 11.10 -5.42 10.60
C PHE A 225 12.07 -6.59 10.45
N GLU A 226 12.37 -7.27 11.56
CA GLU A 226 13.37 -8.34 11.57
C GLU A 226 12.93 -9.52 10.69
N CYS A 227 11.64 -9.72 10.54
CA CYS A 227 11.10 -10.86 9.80
C CYS A 227 10.85 -10.57 8.33
N LEU A 228 10.95 -9.32 7.89
CA LEU A 228 10.50 -8.93 6.56
C LEU A 228 11.61 -8.43 5.64
N TYR A 229 12.81 -8.19 6.16
CA TYR A 229 14.01 -8.05 5.35
C TYR A 229 13.87 -7.05 4.20
N PRO A 230 13.65 -5.76 4.50
CA PRO A 230 13.57 -4.77 3.43
C PRO A 230 14.88 -4.66 2.65
N TYR A 231 14.75 -4.22 1.40
CA TYR A 231 15.92 -3.91 0.60
C TYR A 231 16.76 -2.82 1.27
N PRO A 232 18.04 -2.71 0.90
CA PRO A 232 18.83 -1.56 1.35
C PRO A 232 18.19 -0.25 0.96
N VAL A 233 18.46 0.78 1.76
CA VAL A 233 17.81 2.09 1.56
C VAL A 233 18.13 2.64 0.18
N HIS A 234 19.35 2.41 -0.30
CA HIS A 234 19.77 2.95 -1.59
C HIS A 234 19.35 2.10 -2.77
N HIS A 235 18.79 0.91 -2.53
CA HIS A 235 18.28 0.07 -3.60
C HIS A 235 17.01 0.68 -4.19
N PRO A 236 16.76 0.49 -5.49
CA PRO A 236 15.52 1.02 -6.08
C PRO A 236 14.25 0.53 -5.42
N CYS A 237 14.28 -0.66 -4.80
CA CYS A 237 13.11 -1.24 -4.15
C CYS A 237 13.08 -0.95 -2.66
N ASP A 238 13.82 0.07 -2.22
CA ASP A 238 13.75 0.56 -0.85
C ASP A 238 12.32 0.56 -0.33
N ARG A 239 12.15 0.08 0.90
CA ARG A 239 10.90 0.01 1.68
C ARG A 239 10.08 -1.24 1.37
N GLN A 240 10.49 -2.06 0.40
CA GLN A 240 9.79 -3.28 0.08
C GLN A 240 10.52 -4.48 0.69
N SER A 241 9.76 -5.53 0.99
CA SER A 241 10.33 -6.76 1.51
C SER A 241 11.05 -7.51 0.40
N GLN A 242 12.19 -8.11 0.74
CA GLN A 242 12.89 -8.97 -0.20
C GLN A 242 12.25 -10.34 -0.31
N VAL A 243 11.37 -10.71 0.62
CA VAL A 243 10.81 -12.05 0.68
C VAL A 243 9.76 -12.19 -0.42
N ASP A 244 9.87 -13.26 -1.19
CA ASP A 244 8.82 -13.66 -2.12
C ASP A 244 7.76 -14.44 -1.33
N PHE A 245 6.60 -13.83 -1.12
CA PHE A 245 5.56 -14.47 -0.32
C PHE A 245 5.06 -15.76 -0.94
N ASP A 246 5.25 -15.95 -2.25
CA ASP A 246 4.83 -17.18 -2.90
C ASP A 246 5.86 -18.29 -2.78
N ASN A 247 7.12 -17.94 -2.53
CA ASN A 247 8.20 -18.94 -2.43
C ASN A 247 9.26 -18.39 -1.50
N PRO A 248 8.98 -18.34 -0.20
CA PRO A 248 9.92 -17.71 0.74
C PRO A 248 11.20 -18.52 0.89
N ASP A 249 12.33 -17.83 0.74
CA ASP A 249 13.65 -18.45 0.88
C ASP A 249 14.04 -18.39 2.36
N TYR A 250 13.71 -19.46 3.09
CA TYR A 250 13.94 -19.48 4.53
C TYR A 250 15.41 -19.53 4.89
N GLU A 251 16.28 -19.92 3.97
CA GLU A 251 17.71 -19.92 4.26
C GLU A 251 18.26 -18.50 4.33
N ARG A 252 17.81 -17.62 3.44
CA ARG A 252 18.24 -16.23 3.48
C ARG A 252 17.43 -15.42 4.49
N PHE A 253 16.15 -15.76 4.67
CA PHE A 253 15.23 -14.95 5.48
C PHE A 253 14.58 -15.81 6.56
N PRO A 254 15.38 -16.33 7.50
CA PRO A 254 14.84 -17.32 8.44
C PRO A 254 13.73 -16.79 9.33
N ASN A 255 13.76 -15.53 9.72
CA ASN A 255 12.74 -15.01 10.63
C ASN A 255 11.41 -14.73 9.93
N PHE A 256 11.31 -14.92 8.62
CA PHE A 256 10.00 -14.86 7.99
C PHE A 256 9.09 -15.98 8.49
N GLN A 257 9.67 -17.06 9.01
CA GLN A 257 8.90 -18.14 9.64
C GLN A 257 8.21 -17.69 10.91
N ASN A 258 8.52 -16.49 11.43
CA ASN A 258 7.91 -15.97 12.65
C ASN A 258 6.94 -14.83 12.39
N VAL A 259 6.64 -14.54 11.14
CA VAL A 259 5.83 -13.38 10.81
C VAL A 259 4.37 -13.65 11.14
N VAL A 260 3.69 -12.66 11.71
CA VAL A 260 2.26 -12.72 11.99
C VAL A 260 1.64 -11.41 11.51
N GLY A 261 0.53 -11.52 10.78
CA GLY A 261 -0.07 -10.39 10.11
C GLY A 261 -1.49 -10.09 10.57
N TYR A 262 -1.96 -8.92 10.17
CA TYR A 262 -3.33 -8.47 10.35
C TYR A 262 -3.98 -8.34 8.98
N GLU A 263 -5.13 -8.96 8.77
CA GLU A 263 -5.75 -8.90 7.46
C GLU A 263 -7.24 -8.60 7.53
N THR A 264 -7.75 -8.22 6.38
CA THR A 264 -9.14 -7.84 6.18
C THR A 264 -9.36 -7.76 4.68
N VAL A 265 -10.61 -7.90 4.27
CA VAL A 265 -11.02 -7.66 2.89
C VAL A 265 -11.88 -6.40 2.90
N VAL A 266 -11.50 -5.43 2.08
CA VAL A 266 -12.21 -4.16 1.97
C VAL A 266 -12.99 -4.15 0.67
N GLY A 267 -14.22 -3.65 0.73
CA GLY A 267 -15.05 -3.47 -0.43
C GLY A 267 -15.53 -2.04 -0.56
N PRO A 268 -16.37 -1.77 -1.55
CA PRO A 268 -16.82 -0.39 -1.79
C PRO A 268 -17.37 0.25 -0.52
N GLY A 269 -16.85 1.42 -0.19
CA GLY A 269 -17.30 2.18 0.95
C GLY A 269 -16.48 2.00 2.20
N ASP A 270 -15.59 1.00 2.24
CA ASP A 270 -14.73 0.81 3.39
C ASP A 270 -13.51 1.71 3.29
N VAL A 271 -13.02 2.16 4.44
CA VAL A 271 -11.80 2.94 4.54
C VAL A 271 -10.89 2.24 5.53
N LEU A 272 -9.72 1.83 5.08
CA LEU A 272 -8.72 1.16 5.91
C LEU A 272 -7.68 2.17 6.34
N TYR A 273 -7.50 2.35 7.64
CA TYR A 273 -6.43 3.19 8.15
C TYR A 273 -5.16 2.36 8.22
N ILE A 274 -4.18 2.70 7.39
CA ILE A 274 -2.88 2.04 7.41
C ILE A 274 -1.90 2.96 8.15
N PRO A 275 -1.53 2.65 9.40
CA PRO A 275 -0.67 3.57 10.15
C PRO A 275 0.72 3.66 9.57
N MET A 276 1.35 4.82 9.78
CA MET A 276 2.70 5.07 9.31
CA MET A 276 2.69 5.06 9.27
C MET A 276 3.63 3.94 9.71
N TYR A 277 4.51 3.53 8.79
CA TYR A 277 5.54 2.51 8.97
C TYR A 277 4.99 1.09 9.10
N TRP A 278 3.68 0.89 9.02
CA TRP A 278 3.13 -0.46 9.01
C TRP A 278 3.30 -1.07 7.62
N TRP A 279 3.79 -2.31 7.59
CA TRP A 279 3.87 -3.03 6.32
C TRP A 279 2.45 -3.31 5.82
N HIS A 280 2.27 -3.25 4.50
CA HIS A 280 1.02 -3.70 3.92
C HIS A 280 1.30 -4.45 2.63
N HIS A 281 0.57 -5.55 2.47
CA HIS A 281 0.55 -6.36 1.26
C HIS A 281 -0.88 -6.38 0.77
N ILE A 282 -1.10 -6.00 -0.49
CA ILE A 282 -2.43 -5.74 -1.01
C ILE A 282 -2.62 -6.48 -2.32
N GLU A 283 -3.72 -7.23 -2.42
CA GLU A 283 -4.04 -7.97 -3.64
C GLU A 283 -5.51 -7.79 -4.00
N SER A 284 -5.77 -7.56 -5.30
CA SER A 284 -7.13 -7.59 -5.81
C SER A 284 -7.58 -9.04 -5.94
N LEU A 285 -8.73 -9.35 -5.37
CA LEU A 285 -9.16 -10.75 -5.28
C LEU A 285 -9.21 -11.39 -6.65
N LEU A 286 -8.88 -12.68 -6.70
CA LEU A 286 -8.93 -13.45 -7.94
C LEU A 286 -10.37 -13.53 -8.45
N ASN A 287 -10.52 -13.36 -9.77
CA ASN A 287 -11.83 -13.51 -10.42
C ASN A 287 -12.85 -12.53 -9.86
N GLY A 288 -12.40 -11.36 -9.42
CA GLY A 288 -13.29 -10.37 -8.85
C GLY A 288 -13.49 -9.14 -9.70
N GLY A 289 -12.89 -9.13 -10.89
CA GLY A 289 -12.98 -7.98 -11.75
C GLY A 289 -11.98 -6.91 -11.38
N ILE A 290 -12.08 -5.77 -12.06
CA ILE A 290 -11.18 -4.67 -11.78
C ILE A 290 -11.47 -4.08 -10.41
N THR A 291 -10.46 -3.44 -9.84
CA THR A 291 -10.59 -2.78 -8.55
C THR A 291 -10.23 -1.31 -8.70
N ILE A 292 -10.89 -0.47 -7.90
CA ILE A 292 -10.60 0.95 -7.86
C ILE A 292 -10.43 1.36 -6.42
N THR A 293 -9.43 2.20 -6.17
CA THR A 293 -9.09 2.67 -4.84
C THR A 293 -8.57 4.10 -4.95
N VAL A 294 -8.81 4.89 -3.92
CA VAL A 294 -8.17 6.20 -3.76
C VAL A 294 -7.49 6.20 -2.41
N ASN A 295 -6.23 6.62 -2.38
CA ASN A 295 -5.46 6.72 -1.16
C ASN A 295 -5.25 8.17 -0.78
N PHE A 296 -5.20 8.41 0.52
CA PHE A 296 -4.92 9.73 1.08
C PHE A 296 -3.72 9.60 2.01
N TRP A 297 -2.68 10.39 1.78
CA TRP A 297 -1.50 10.37 2.62
C TRP A 297 -1.33 11.68 3.36
N TYR A 298 -1.03 11.58 4.65
CA TYR A 298 -0.80 12.72 5.52
C TYR A 298 0.54 12.56 6.20
N LYS A 299 1.30 13.66 6.29
CA LYS A 299 2.54 13.62 7.05
C LYS A 299 2.23 13.36 8.52
N GLY A 300 2.98 12.46 9.13
CA GLY A 300 2.82 12.17 10.54
C GLY A 300 3.02 13.41 11.40
N ALA A 301 2.62 13.28 12.66
CA ALA A 301 2.77 14.37 13.60
C ALA A 301 4.25 14.55 13.95
N PRO A 302 4.66 15.77 14.31
CA PRO A 302 6.08 16.01 14.58
C PRO A 302 6.55 15.26 15.81
N THR A 303 7.87 15.04 15.86
CA THR A 303 8.47 14.32 16.98
C THR A 303 8.52 15.22 18.21
N PRO A 304 8.05 14.75 19.38
CA PRO A 304 8.04 15.61 20.56
C PRO A 304 9.44 16.06 20.95
N LYS A 305 9.50 17.16 21.72
CA LYS A 305 10.78 17.66 22.21
C LYS A 305 11.43 16.65 23.14
N ARG A 306 10.70 16.26 24.17
CA ARG A 306 11.18 15.28 25.12
C ARG A 306 10.54 13.95 24.75
N ILE A 307 11.38 12.94 24.54
CA ILE A 307 10.96 11.59 24.18
C ILE A 307 10.87 10.75 25.44
N GLU A 308 9.80 10.00 25.57
CA GLU A 308 9.54 9.23 26.77
C GLU A 308 10.58 8.16 27.02
N TYR A 309 11.25 7.79 25.94
CA TYR A 309 12.23 6.71 25.84
C TYR A 309 11.53 5.38 25.66
N PRO A 310 12.28 4.26 25.75
CA PRO A 310 11.83 2.91 25.40
C PRO A 310 11.11 3.08 24.05
N LEU A 311 11.92 3.48 23.07
CA LEU A 311 11.47 3.92 21.77
C LEU A 311 10.58 3.01 20.97
N LYS A 312 9.65 3.66 20.28
CA LYS A 312 8.73 2.97 19.41
C LYS A 312 9.47 2.28 18.27
N ALA A 313 8.91 1.17 17.81
CA ALA A 313 9.50 0.41 16.74
C ALA A 313 9.70 1.27 15.53
N HIS A 314 8.75 2.13 15.20
CA HIS A 314 8.91 2.96 14.02
C HIS A 314 10.05 3.96 14.21
N GLN A 315 10.33 4.35 15.46
CA GLN A 315 11.45 5.25 15.71
C GLN A 315 12.79 4.55 15.49
N LYS A 316 12.86 3.25 15.77
CA LYS A 316 14.09 2.51 15.50
C LYS A 316 14.27 2.27 14.00
N VAL A 317 13.18 2.09 13.27
CA VAL A 317 13.28 1.99 11.82
C VAL A 317 13.80 3.29 11.24
N ALA A 318 13.27 4.42 11.70
CA ALA A 318 13.75 5.71 11.23
C ALA A 318 15.24 5.88 11.51
N ILE A 319 15.71 5.41 12.66
CA ILE A 319 17.13 5.50 12.97
C ILE A 319 17.95 4.66 11.99
N MET A 320 17.50 3.43 11.72
CA MET A 320 18.23 2.57 10.79
C MET A 320 18.29 3.20 9.40
N ARG A 321 17.16 3.75 8.93
CA ARG A 321 17.16 4.43 7.64
C ARG A 321 18.18 5.57 7.63
N ASN A 322 18.24 6.37 8.69
CA ASN A 322 19.16 7.49 8.71
C ASN A 322 20.61 7.03 8.74
N ILE A 323 20.92 5.99 9.51
CA ILE A 323 22.27 5.43 9.50
C ILE A 323 22.68 5.08 8.07
N GLU A 324 21.83 4.31 7.38
CA GLU A 324 22.15 3.88 6.03
C GLU A 324 22.35 5.07 5.10
N LYS A 325 21.53 6.12 5.25
CA LYS A 325 21.67 7.30 4.41
C LYS A 325 22.95 8.07 4.72
N MET A 326 23.26 8.25 6.00
CA MET A 326 24.47 8.99 6.37
C MET A 326 25.72 8.30 5.84
N LEU A 327 25.79 6.98 6.00
CA LEU A 327 26.95 6.24 5.51
C LEU A 327 27.09 6.38 4.00
N GLY A 328 25.97 6.29 3.27
CA GLY A 328 26.02 6.47 1.83
C GLY A 328 26.72 7.76 1.44
N GLU A 329 26.35 8.85 2.09
CA GLU A 329 26.97 10.14 1.79
C GLU A 329 28.39 10.22 2.32
N ALA A 330 28.60 9.79 3.58
CA ALA A 330 29.91 9.93 4.20
C ALA A 330 30.98 9.15 3.43
N LEU A 331 30.64 7.95 2.96
CA LEU A 331 31.59 7.12 2.22
C LEU A 331 31.69 7.51 0.76
N GLY A 332 30.83 8.39 0.27
CA GLY A 332 30.85 8.79 -1.13
C GLY A 332 30.33 7.77 -2.10
N ASN A 333 29.84 6.63 -1.63
CA ASN A 333 29.38 5.56 -2.50
C ASN A 333 28.42 4.65 -1.74
N PRO A 334 27.17 4.49 -2.20
CA PRO A 334 26.23 3.63 -1.46
C PRO A 334 26.65 2.17 -1.39
N GLN A 335 27.47 1.71 -2.34
CA GLN A 335 27.87 0.30 -2.37
C GLN A 335 28.87 -0.05 -1.28
N GLU A 336 29.47 0.93 -0.63
CA GLU A 336 30.39 0.67 0.48
C GLU A 336 29.68 0.58 1.82
N VAL A 337 28.36 0.78 1.85
CA VAL A 337 27.61 0.76 3.10
C VAL A 337 27.63 -0.63 3.71
N GLY A 338 27.32 -1.65 2.91
CA GLY A 338 27.26 -3.00 3.38
C GLY A 338 28.59 -3.49 3.93
N PRO A 339 29.67 -3.35 3.15
CA PRO A 339 30.99 -3.77 3.64
C PRO A 339 31.39 -3.12 4.95
N LEU A 340 31.12 -1.83 5.14
CA LEU A 340 31.49 -1.17 6.39
C LEU A 340 30.65 -1.67 7.55
N LEU A 341 29.34 -1.84 7.34
CA LEU A 341 28.48 -2.34 8.41
C LEU A 341 28.91 -3.73 8.86
N ASN A 342 29.26 -4.59 7.91
CA ASN A 342 29.72 -5.94 8.27
C ASN A 342 31.03 -5.87 9.04
N THR A 343 31.96 -5.03 8.60
CA THR A 343 33.20 -4.83 9.33
C THR A 343 32.93 -4.42 10.76
N MET A 344 31.93 -3.56 10.98
CA MET A 344 31.65 -3.03 12.31
C MET A 344 31.07 -4.09 13.23
N ILE A 345 30.39 -5.10 12.67
CA ILE A 345 29.62 -6.07 13.44
C ILE A 345 30.38 -7.37 13.63
N LYS A 346 31.06 -7.87 12.59
CA LYS A 346 31.60 -9.23 12.62
C LYS A 346 32.60 -9.38 13.77
N GLY A 347 32.34 -10.36 14.62
CA GLY A 347 33.19 -10.61 15.77
C GLY A 347 33.17 -9.54 16.83
N ARG A 348 32.27 -8.57 16.73
N ARG A 348 32.28 -8.55 16.72
CA ARG A 348 32.19 -7.48 17.71
CA ARG A 348 32.19 -7.47 17.68
C ARG A 348 30.81 -7.34 18.32
C ARG A 348 30.81 -7.38 18.32
N TYR A 349 29.75 -7.46 17.52
CA TYR A 349 28.39 -7.36 18.02
C TYR A 349 27.51 -8.57 17.70
N ASN A 350 28.00 -9.51 16.91
CA ASN A 350 27.17 -10.66 16.52
C ASN A 350 27.68 -11.96 17.13
#